data_4U2L
#
_entry.id   4U2L
#
_cell.length_a   51.375
_cell.length_b   73.565
_cell.length_c   63.431
_cell.angle_alpha   90.000
_cell.angle_beta   105.030
_cell.angle_gamma   90.000
#
_symmetry.space_group_name_H-M   'P 1 21 1'
#
loop_
_entity.id
_entity.type
_entity.pdbx_description
1 polymer 'Cholesterol oxidase'
2 non-polymer 'SULFATE ION'
3 non-polymer '(S)-10-((2S,3S,4R)-5-((S)-((S)-(((2R,3S,4R,5R)-5-(6-AMINO-9H-PURIN-9-YL)-3,4-DIHYDROXY-TETRAHYDROFURAN-2-YL)METHOXY)(HYDROXY)PHOSPHORYLOXY)(HYDROXY)PHOSPHORYLOXY)-2,3,4-TRIHYDROXYPENTYL)-7,8-DIMETHYL-2,4-DIOXO-2,3,4,4A-TETRAHYDROBENZO[G]PTERIDINE-5(10H)-SULFONIC ACID'
4 water water
#
_entity_poly.entity_id   1
_entity_poly.type   'polypeptide(L)'
_entity_poly.pdbx_seq_one_letter_code
;DNGGYVPAVVIGTGYGAAVSALRLGEAGVQTLMLEMGQLWNQPGPDGNIFCGMLNPDKRSSWFKNRTEAPLGSFLWLDVV
NRNIDPYAGVLDRVNYDQMSVYVGRGVGGGSLVNGGMAVEPKRSYFEEILPRVDSSEMYDRYFPRANSMLRVNHIDTKWF
EDTEWYKFARVSREQAGKAGLGTVFVPNVYDFGYMQREAAGEVPKSALATEVIYGNNHGKQSLDKTYLAAALGTGKVTIQ
TLHQVKTIRQTKDGGYALTVEQKDTDGKLLATKEISCRYLFLGAGSLGSTELLVRARDTGTLPNLNSEVGAGWGPNGNIM
TARANHMWNPTGAHQSSIPALGIDAWDNSDSSVFAEIAPMPAGLETWVSLYLAITKNPQRGTFVYDAATDRAKLNWTRDQ
NAPAVNAAKALFDRINKANGTIYRYDLFGTQLKAFADDFCYHPLGGCVLGKATDDYGRVAGYKNLYVTDGSLIPGSVGVN
PFVTITALAERNVERIIKQDVTASHHHHHH
;
_entity_poly.pdbx_strand_id   A
#
# COMPACT_ATOMS: atom_id res chain seq x y z
N GLY A 4 -24.51 14.95 11.49
CA GLY A 4 -24.47 16.39 11.54
C GLY A 4 -23.29 17.04 10.79
N TYR A 5 -23.01 18.29 11.11
CA TYR A 5 -22.01 19.10 10.42
C TYR A 5 -20.66 19.11 11.14
N VAL A 6 -19.58 18.99 10.37
N VAL A 6 -19.57 19.02 10.38
CA VAL A 6 -18.19 19.12 10.83
CA VAL A 6 -18.22 19.20 10.91
C VAL A 6 -17.49 19.98 9.78
C VAL A 6 -17.42 19.91 9.82
N PRO A 7 -16.60 20.91 10.20
CA PRO A 7 -15.95 21.75 9.17
C PRO A 7 -15.23 20.95 8.06
N ALA A 8 -14.37 20.01 8.44
CA ALA A 8 -13.69 19.13 7.47
C ALA A 8 -13.96 17.67 7.78
N VAL A 9 -14.19 16.91 6.73
CA VAL A 9 -14.24 15.46 6.81
C VAL A 9 -13.15 14.88 5.94
N VAL A 10 -12.47 13.89 6.48
CA VAL A 10 -11.49 13.10 5.74
C VAL A 10 -12.00 11.66 5.69
N ILE A 11 -12.11 11.12 4.48
CA ILE A 11 -12.53 9.73 4.28
C ILE A 11 -11.29 8.83 4.24
N GLY A 12 -11.27 7.88 5.16
CA GLY A 12 -10.12 6.98 5.27
C GLY A 12 -9.10 7.47 6.26
N THR A 13 -8.14 6.58 6.59
CA THR A 13 -7.07 6.91 7.55
C THR A 13 -5.70 6.29 7.12
N GLY A 14 -5.46 6.23 5.81
CA GLY A 14 -4.15 5.88 5.28
C GLY A 14 -3.25 7.08 5.16
N TYR A 15 -2.27 7.01 4.28
CA TYR A 15 -1.21 8.01 4.23
C TYR A 15 -1.73 9.39 3.81
N GLY A 16 -2.48 9.49 2.73
CA GLY A 16 -2.97 10.80 2.29
C GLY A 16 -3.91 11.39 3.34
N ALA A 17 -4.77 10.56 3.90
CA ALA A 17 -5.70 11.03 4.92
C ALA A 17 -5.00 11.53 6.17
N ALA A 18 -4.03 10.76 6.64
CA ALA A 18 -3.37 11.05 7.90
C ALA A 18 -2.57 12.35 7.82
N VAL A 19 -1.85 12.57 6.73
CA VAL A 19 -1.15 13.85 6.54
C VAL A 19 -2.17 14.99 6.55
N SER A 20 -3.25 14.84 5.79
CA SER A 20 -4.21 15.90 5.64
C SER A 20 -4.82 16.24 6.97
N ALA A 21 -5.24 15.24 7.74
CA ALA A 21 -5.85 15.51 9.05
C ALA A 21 -4.90 16.17 10.03
N LEU A 22 -3.64 15.76 10.06
CA LEU A 22 -2.68 16.42 10.94
C LEU A 22 -2.61 17.92 10.63
N ARG A 23 -2.43 18.24 9.37
CA ARG A 23 -2.22 19.62 9.01
C ARG A 23 -3.49 20.46 9.18
N LEU A 24 -4.65 19.86 8.94
CA LEU A 24 -5.91 20.56 9.20
C LEU A 24 -6.03 20.85 10.68
N GLY A 25 -5.75 19.85 11.51
CA GLY A 25 -5.86 20.05 12.94
C GLY A 25 -4.94 21.12 13.46
N GLU A 26 -3.71 21.13 12.96
CA GLU A 26 -2.72 22.12 13.38
C GLU A 26 -3.14 23.53 12.94
N ALA A 27 -3.93 23.61 11.87
CA ALA A 27 -4.46 24.87 11.38
C ALA A 27 -5.74 25.28 12.11
N GLY A 28 -6.20 24.47 13.07
CA GLY A 28 -7.37 24.82 13.86
C GLY A 28 -8.70 24.41 13.24
N VAL A 29 -8.67 23.55 12.22
CA VAL A 29 -9.89 23.12 11.55
C VAL A 29 -10.38 21.83 12.19
N GLN A 30 -11.56 21.88 12.79
N GLN A 30 -11.55 21.86 12.80
CA GLN A 30 -12.22 20.71 13.35
CA GLN A 30 -12.12 20.67 13.41
C GLN A 30 -12.45 19.67 12.26
C GLN A 30 -12.44 19.67 12.30
N THR A 31 -11.90 18.48 12.46
CA THR A 31 -11.85 17.45 11.41
C THR A 31 -12.33 16.10 11.94
N LEU A 32 -13.20 15.47 11.18
CA LEU A 32 -13.69 14.14 11.45
C LEU A 32 -13.15 13.20 10.38
N MET A 33 -12.44 12.15 10.80
CA MET A 33 -12.01 11.07 9.89
C MET A 33 -12.97 9.89 10.02
N LEU A 34 -13.39 9.36 8.87
CA LEU A 34 -14.30 8.22 8.80
C LEU A 34 -13.54 7.04 8.22
N GLU A 35 -13.43 5.96 9.01
CA GLU A 35 -12.66 4.77 8.62
C GLU A 35 -13.55 3.57 8.67
N MET A 36 -13.62 2.85 7.55
CA MET A 36 -14.51 1.70 7.45
C MET A 36 -14.04 0.49 8.29
N GLY A 37 -12.74 0.39 8.53
CA GLY A 37 -12.20 -0.70 9.36
C GLY A 37 -12.08 -0.35 10.82
N GLN A 38 -11.41 -1.22 11.56
CA GLN A 38 -11.27 -1.08 13.00
C GLN A 38 -10.08 -0.26 13.45
N LEU A 39 -10.19 0.24 14.67
CA LEU A 39 -9.02 0.69 15.42
C LEU A 39 -8.38 -0.58 16.01
N TRP A 40 -7.16 -0.89 15.60
CA TRP A 40 -6.49 -2.13 16.02
C TRP A 40 -5.73 -1.96 17.32
N ASN A 41 -6.45 -2.12 18.43
CA ASN A 41 -5.85 -1.95 19.74
C ASN A 41 -6.39 -2.90 20.81
N GLN A 42 -7.16 -3.91 20.43
CA GLN A 42 -7.71 -4.85 21.41
C GLN A 42 -7.02 -6.20 21.31
N PRO A 43 -6.49 -6.72 22.43
CA PRO A 43 -5.90 -8.06 22.39
C PRO A 43 -6.94 -9.10 21.97
N GLY A 44 -6.52 -10.00 21.11
CA GLY A 44 -7.34 -11.08 20.59
C GLY A 44 -7.17 -12.36 21.40
N PRO A 45 -7.61 -13.50 20.84
CA PRO A 45 -7.69 -14.74 21.62
C PRO A 45 -6.33 -15.32 22.03
N ASP A 46 -5.27 -14.86 21.38
CA ASP A 46 -3.91 -15.23 21.70
C ASP A 46 -3.17 -14.17 22.52
N GLY A 47 -3.90 -13.14 22.97
CA GLY A 47 -3.32 -12.04 23.71
C GLY A 47 -2.67 -10.98 22.85
N ASN A 48 -2.62 -11.19 21.53
CA ASN A 48 -2.01 -10.22 20.61
C ASN A 48 -3.07 -9.50 19.81
N ILE A 49 -2.78 -8.28 19.36
CA ILE A 49 -3.71 -7.55 18.53
C ILE A 49 -3.88 -8.23 17.15
N PHE A 50 -2.76 -8.61 16.55
CA PHE A 50 -2.75 -9.13 15.18
C PHE A 50 -2.34 -10.59 15.15
N CYS A 51 -2.85 -11.32 14.17
N CYS A 51 -2.85 -11.37 14.22
CA CYS A 51 -2.36 -12.68 13.95
CA CYS A 51 -2.30 -12.72 14.07
C CYS A 51 -1.06 -12.63 13.11
C CYS A 51 -1.15 -12.71 13.07
N GLY A 52 -0.25 -13.66 13.27
CA GLY A 52 0.92 -13.83 12.44
C GLY A 52 0.62 -14.66 11.21
N MET A 53 1.62 -14.79 10.34
N MET A 53 1.61 -14.80 10.32
CA MET A 53 1.43 -15.49 9.08
CA MET A 53 1.38 -15.54 9.07
C MET A 53 1.38 -17.01 9.24
C MET A 53 1.26 -17.04 9.27
N LEU A 54 1.91 -17.53 10.35
N LEU A 54 1.82 -17.57 10.35
CA LEU A 54 1.78 -18.96 10.64
CA LEU A 54 1.73 -19.00 10.63
C LEU A 54 0.51 -19.35 11.40
C LEU A 54 0.62 -19.36 11.60
N ASN A 55 -0.20 -18.37 11.98
CA ASN A 55 -1.41 -18.62 12.75
C ASN A 55 -2.56 -17.72 12.30
N PRO A 56 -2.84 -17.69 10.99
CA PRO A 56 -3.91 -16.77 10.56
C PRO A 56 -5.27 -17.18 11.14
N ASP A 57 -6.09 -16.19 11.45
CA ASP A 57 -7.46 -16.39 11.88
C ASP A 57 -8.33 -15.29 11.28
N LYS A 58 -9.53 -15.09 11.81
CA LYS A 58 -10.43 -14.12 11.21
C LYS A 58 -9.85 -12.69 11.17
N ARG A 59 -8.89 -12.37 12.04
CA ARG A 59 -8.28 -11.06 12.05
C ARG A 59 -7.42 -10.82 10.83
N SER A 60 -7.08 -11.87 10.11
CA SER A 60 -6.23 -11.76 8.93
C SER A 60 -6.95 -11.20 7.71
N SER A 61 -8.28 -11.25 7.68
N SER A 61 -8.27 -11.24 7.70
CA SER A 61 -9.01 -11.13 6.42
CA SER A 61 -9.00 -11.12 6.44
C SER A 61 -10.26 -10.26 6.55
C SER A 61 -10.28 -10.28 6.54
N TRP A 62 -10.45 -9.37 5.58
CA TRP A 62 -11.66 -8.58 5.46
C TRP A 62 -12.78 -9.38 4.79
N PHE A 63 -13.69 -9.86 5.61
CA PHE A 63 -14.89 -10.56 5.15
C PHE A 63 -14.64 -11.66 4.12
N LYS A 64 -13.82 -12.62 4.53
N LYS A 64 -13.84 -12.65 4.50
CA LYS A 64 -13.57 -13.84 3.78
CA LYS A 64 -13.72 -13.88 3.72
C LYS A 64 -13.95 -15.01 4.68
C LYS A 64 -14.16 -15.08 4.57
N ASN A 65 -14.26 -16.14 4.07
N ASN A 65 -14.26 -16.24 3.94
CA ASN A 65 -14.62 -17.36 4.82
CA ASN A 65 -14.67 -17.46 4.64
C ASN A 65 -13.51 -18.40 4.94
C ASN A 65 -13.48 -18.32 5.06
N ARG A 66 -12.31 -18.08 4.47
CA ARG A 66 -11.15 -18.94 4.67
C ARG A 66 -9.91 -18.06 4.58
N THR A 67 -8.92 -18.36 5.41
CA THR A 67 -7.63 -17.69 5.33
C THR A 67 -6.91 -18.09 4.06
N GLU A 68 -5.97 -17.25 3.65
N GLU A 68 -5.93 -17.28 3.67
CA GLU A 68 -5.13 -17.53 2.48
CA GLU A 68 -5.15 -17.48 2.44
C GLU A 68 -3.66 -17.42 2.84
C GLU A 68 -3.66 -17.28 2.68
N ALA A 69 -2.83 -18.17 2.12
CA ALA A 69 -1.38 -18.07 2.27
C ALA A 69 -0.86 -16.77 1.64
N PRO A 70 0.22 -16.19 2.20
CA PRO A 70 0.90 -15.07 1.55
C PRO A 70 1.34 -15.49 0.17
N LEU A 71 1.29 -14.56 -0.80
CA LEU A 71 1.65 -14.87 -2.18
C LEU A 71 3.10 -15.33 -2.24
N GLY A 72 3.31 -16.48 -2.88
CA GLY A 72 4.61 -17.13 -2.96
C GLY A 72 4.80 -18.28 -2.00
N SER A 73 3.95 -18.37 -0.97
N SER A 73 3.95 -18.39 -0.97
CA SER A 73 4.14 -19.30 0.14
CA SER A 73 4.17 -19.36 0.10
C SER A 73 3.11 -20.41 0.27
C SER A 73 3.09 -20.40 0.28
N PHE A 74 2.15 -20.47 -0.66
CA PHE A 74 1.14 -21.52 -0.63
C PHE A 74 1.71 -22.93 -0.40
N LEU A 75 2.82 -23.26 -1.03
CA LEU A 75 3.38 -24.61 -0.87
C LEU A 75 3.71 -25.00 0.56
N TRP A 76 4.01 -24.03 1.40
CA TRP A 76 4.40 -24.27 2.79
C TRP A 76 3.36 -23.83 3.82
N LEU A 77 2.56 -22.83 3.47
CA LEU A 77 1.63 -22.22 4.42
C LEU A 77 0.17 -22.59 4.17
N ASP A 78 -0.15 -23.32 3.11
CA ASP A 78 -1.54 -23.75 2.99
C ASP A 78 -1.93 -24.63 4.18
N VAL A 79 -0.97 -25.37 4.72
CA VAL A 79 -1.23 -26.27 5.84
C VAL A 79 -1.78 -25.55 7.09
N VAL A 80 -1.54 -24.25 7.23
CA VAL A 80 -2.08 -23.53 8.38
C VAL A 80 -3.37 -22.79 8.05
N ASN A 81 -3.88 -22.90 6.84
CA ASN A 81 -5.13 -22.22 6.48
C ASN A 81 -6.31 -22.88 7.17
N ARG A 82 -7.31 -22.07 7.49
N ARG A 82 -7.30 -22.06 7.51
CA ARG A 82 -8.50 -22.53 8.18
CA ARG A 82 -8.50 -22.55 8.21
C ARG A 82 -9.72 -21.74 7.73
C ARG A 82 -9.72 -21.73 7.78
N ASN A 83 -10.89 -22.36 7.86
CA ASN A 83 -12.13 -21.65 7.69
C ASN A 83 -12.28 -20.64 8.80
N ILE A 84 -12.85 -19.49 8.47
CA ILE A 84 -13.05 -18.41 9.41
C ILE A 84 -14.41 -17.77 9.19
N ASP A 85 -14.90 -17.11 10.23
CA ASP A 85 -16.10 -16.29 10.11
C ASP A 85 -15.75 -15.03 9.34
N PRO A 86 -16.65 -14.57 8.45
CA PRO A 86 -16.43 -13.26 7.85
C PRO A 86 -16.44 -12.17 8.93
N TYR A 87 -15.40 -11.35 8.92
CA TYR A 87 -15.08 -10.45 10.02
C TYR A 87 -14.34 -9.24 9.47
N ALA A 88 -14.37 -8.14 10.21
CA ALA A 88 -13.68 -6.92 9.81
C ALA A 88 -12.16 -7.01 10.07
N GLY A 89 -11.50 -8.00 9.42
CA GLY A 89 -10.07 -8.20 9.56
C GLY A 89 -9.24 -7.17 8.79
N VAL A 90 -7.92 -7.30 8.89
CA VAL A 90 -7.03 -6.19 8.57
C VAL A 90 -6.58 -6.13 7.11
N LEU A 91 -6.59 -7.26 6.40
CA LEU A 91 -6.11 -7.31 5.03
C LEU A 91 -7.22 -7.72 4.08
N ASP A 92 -7.45 -6.90 3.06
CA ASP A 92 -8.49 -7.17 2.07
C ASP A 92 -7.88 -7.46 0.72
N ARG A 93 -8.10 -8.67 0.23
CA ARG A 93 -7.81 -9.02 -1.15
C ARG A 93 -9.05 -8.70 -1.96
N VAL A 94 -8.94 -7.66 -2.80
CA VAL A 94 -10.04 -7.19 -3.61
C VAL A 94 -9.90 -7.79 -5.01
N ASN A 95 -10.86 -8.61 -5.40
CA ASN A 95 -10.78 -9.37 -6.65
C ASN A 95 -11.56 -8.70 -7.75
N TYR A 96 -10.84 -8.28 -8.79
CA TYR A 96 -11.43 -7.83 -10.04
C TYR A 96 -11.29 -8.95 -11.06
N ASP A 97 -11.76 -8.68 -12.28
N ASP A 97 -11.76 -8.74 -12.29
CA ASP A 97 -11.82 -9.67 -13.35
CA ASP A 97 -11.82 -9.84 -13.25
C ASP A 97 -10.49 -10.41 -13.55
C ASP A 97 -10.45 -10.47 -13.49
N GLN A 98 -9.40 -9.66 -13.68
CA GLN A 98 -8.08 -10.24 -13.99
C GLN A 98 -6.96 -9.61 -13.17
N MET A 99 -7.32 -9.15 -11.97
CA MET A 99 -6.36 -8.52 -11.05
C MET A 99 -6.90 -8.60 -9.63
N SER A 100 -6.03 -8.94 -8.69
CA SER A 100 -6.38 -8.95 -7.27
C SER A 100 -5.51 -7.92 -6.56
N VAL A 101 -6.13 -6.95 -5.90
CA VAL A 101 -5.43 -5.85 -5.23
C VAL A 101 -5.55 -6.02 -3.71
N TYR A 102 -4.41 -5.97 -3.03
N TYR A 102 -4.39 -6.04 -3.05
CA TYR A 102 -4.39 -6.16 -1.59
CA TYR A 102 -4.32 -6.13 -1.59
C TYR A 102 -4.28 -4.80 -0.91
C TYR A 102 -4.38 -4.72 -1.03
N VAL A 103 -5.23 -4.50 -0.02
CA VAL A 103 -5.27 -3.23 0.69
C VAL A 103 -5.51 -3.45 2.19
N GLY A 104 -5.04 -2.51 3.00
CA GLY A 104 -5.32 -2.56 4.41
C GLY A 104 -6.69 -1.97 4.76
N ARG A 105 -7.25 -2.45 5.86
CA ARG A 105 -8.55 -1.98 6.37
C ARG A 105 -8.43 -1.74 7.85
N GLY A 106 -8.44 -0.47 8.26
CA GLY A 106 -8.28 -0.16 9.66
C GLY A 106 -7.75 1.23 9.85
N VAL A 107 -7.67 1.68 11.09
CA VAL A 107 -7.09 2.99 11.40
C VAL A 107 -5.59 2.93 11.08
N GLY A 108 -5.19 3.63 10.02
CA GLY A 108 -3.84 3.53 9.48
C GLY A 108 -3.75 2.93 8.10
N GLY A 109 -4.85 2.38 7.59
CA GLY A 109 -4.85 1.83 6.26
C GLY A 109 -3.75 0.84 5.97
N GLY A 110 -3.13 0.98 4.80
CA GLY A 110 -2.09 0.07 4.37
C GLY A 110 -0.87 0.08 5.27
N SER A 111 -0.67 1.13 6.07
CA SER A 111 0.46 1.17 6.98
C SER A 111 0.37 0.05 8.01
N LEU A 112 -0.81 -0.50 8.23
CA LEU A 112 -0.94 -1.60 9.17
C LEU A 112 -0.29 -2.89 8.65
N VAL A 113 -0.38 -3.11 7.34
CA VAL A 113 -0.10 -4.40 6.74
C VAL A 113 1.12 -4.40 5.83
N ASN A 114 1.67 -3.23 5.55
CA ASN A 114 2.72 -3.14 4.55
C ASN A 114 4.11 -3.54 5.10
N GLY A 115 5.07 -3.64 4.18
CA GLY A 115 6.42 -4.05 4.53
C GLY A 115 7.29 -2.97 5.11
N GLY A 116 6.72 -1.78 5.30
CA GLY A 116 7.42 -0.70 5.95
C GLY A 116 8.44 0.03 5.08
N MET A 117 8.62 -0.40 3.83
CA MET A 117 9.74 0.08 3.01
C MET A 117 9.46 1.49 2.56
N ALA A 118 10.38 2.39 2.92
CA ALA A 118 10.18 3.83 2.82
C ALA A 118 11.22 4.40 1.87
N VAL A 119 10.83 4.58 0.62
CA VAL A 119 11.79 4.84 -0.44
C VAL A 119 11.35 6.04 -1.26
N GLU A 120 12.27 6.98 -1.51
CA GLU A 120 12.00 8.09 -2.40
C GLU A 120 12.22 7.66 -3.84
N PRO A 121 11.36 8.11 -4.75
CA PRO A 121 11.56 7.78 -6.16
C PRO A 121 12.77 8.55 -6.71
N LYS A 122 13.33 8.03 -7.79
N LYS A 122 13.35 8.04 -7.79
CA LYS A 122 14.41 8.71 -8.51
CA LYS A 122 14.40 8.78 -8.49
C LYS A 122 13.86 10.06 -9.04
C LYS A 122 13.82 10.08 -8.97
N ARG A 123 14.55 11.16 -8.75
CA ARG A 123 14.07 12.48 -9.15
C ARG A 123 13.82 12.58 -10.65
N SER A 124 14.72 12.02 -11.47
CA SER A 124 14.50 12.05 -12.91
C SER A 124 13.21 11.33 -13.31
N TYR A 125 12.83 10.29 -12.59
CA TYR A 125 11.58 9.59 -12.90
C TYR A 125 10.36 10.40 -12.41
N PHE A 126 10.47 10.96 -11.20
CA PHE A 126 9.42 11.83 -10.69
C PHE A 126 9.11 12.95 -11.72
N GLU A 127 10.17 13.52 -12.28
CA GLU A 127 10.02 14.60 -13.25
C GLU A 127 9.33 14.10 -14.52
N GLU A 128 9.56 12.84 -14.89
N GLU A 128 9.59 12.85 -14.89
CA GLU A 128 8.91 12.28 -16.06
CA GLU A 128 8.92 12.24 -16.04
C GLU A 128 7.43 12.00 -15.85
C GLU A 128 7.42 12.10 -15.80
N ILE A 129 7.06 11.51 -14.66
CA ILE A 129 5.67 11.11 -14.42
C ILE A 129 4.78 12.30 -14.05
N LEU A 130 5.35 13.33 -13.43
CA LEU A 130 4.59 14.49 -12.96
C LEU A 130 5.27 15.77 -13.39
N PRO A 131 5.29 16.02 -14.70
CA PRO A 131 6.01 17.18 -15.24
C PRO A 131 5.42 18.54 -14.81
N ARG A 132 4.17 18.57 -14.36
CA ARG A 132 3.59 19.84 -13.94
C ARG A 132 3.97 20.23 -12.51
N VAL A 133 4.58 19.33 -11.74
CA VAL A 133 4.89 19.56 -10.33
C VAL A 133 6.31 20.05 -10.12
N ASP A 134 6.50 21.00 -9.21
N ASP A 134 6.50 21.01 -9.23
CA ASP A 134 7.85 21.47 -8.95
CA ASP A 134 7.85 21.50 -8.97
C ASP A 134 8.65 20.46 -8.18
C ASP A 134 8.67 20.50 -8.19
N SER A 135 9.64 19.88 -8.84
CA SER A 135 10.41 18.83 -8.20
C SER A 135 11.34 19.36 -7.13
N SER A 136 11.74 20.62 -7.23
N SER A 136 11.73 20.63 -7.25
CA SER A 136 12.69 21.14 -6.26
CA SER A 136 12.68 21.20 -6.30
C SER A 136 12.08 21.19 -4.87
C SER A 136 12.10 21.25 -4.89
N GLU A 137 10.85 21.67 -4.76
CA GLU A 137 10.22 21.69 -3.44
C GLU A 137 9.96 20.28 -2.91
N MET A 138 9.63 19.35 -3.79
CA MET A 138 9.43 17.98 -3.34
C MET A 138 10.74 17.43 -2.75
N TYR A 139 11.85 17.60 -3.45
CA TYR A 139 13.09 16.99 -2.99
C TYR A 139 13.76 17.77 -1.87
N ASP A 140 13.58 19.09 -1.84
CA ASP A 140 14.22 19.92 -0.82
C ASP A 140 13.41 20.04 0.47
N ARG A 141 12.09 19.93 0.36
CA ARG A 141 11.20 20.20 1.50
C ARG A 141 10.27 19.04 1.85
N TYR A 142 9.46 18.60 0.90
CA TYR A 142 8.36 17.68 1.26
C TYR A 142 8.81 16.23 1.50
N PHE A 143 9.73 15.72 0.71
CA PHE A 143 10.28 14.38 0.96
C PHE A 143 10.99 14.30 2.31
N PRO A 144 11.86 15.27 2.63
CA PRO A 144 12.48 15.21 3.97
C PRO A 144 11.45 15.32 5.10
N ARG A 145 10.43 16.15 4.94
CA ARG A 145 9.40 16.28 5.96
C ARG A 145 8.71 14.93 6.18
N ALA A 146 8.34 14.28 5.08
CA ALA A 146 7.69 12.98 5.17
C ALA A 146 8.58 11.94 5.85
N ASN A 147 9.83 11.84 5.46
N ASN A 147 9.86 11.97 5.50
CA ASN A 147 10.71 10.84 6.06
CA ASN A 147 10.89 11.12 6.08
C ASN A 147 10.80 11.05 7.57
C ASN A 147 11.00 11.22 7.60
N SER A 148 10.89 12.30 8.00
N SER A 148 10.91 12.45 8.13
CA SER A 148 10.98 12.58 9.44
CA SER A 148 11.06 12.66 9.56
C SER A 148 9.69 12.19 10.16
C SER A 148 9.80 12.28 10.35
N MET A 149 8.55 12.66 9.67
N MET A 149 8.63 12.62 9.83
CA MET A 149 7.28 12.38 10.34
CA MET A 149 7.40 12.30 10.55
C MET A 149 6.94 10.90 10.37
C MET A 149 7.08 10.81 10.47
N LEU A 150 7.33 10.18 9.32
CA LEU A 150 7.06 8.74 9.22
C LEU A 150 7.94 7.88 10.12
N ARG A 151 9.04 8.46 10.63
N ARG A 151 9.03 8.47 10.64
CA ARG A 151 10.04 7.78 11.46
CA ARG A 151 10.00 7.76 11.48
C ARG A 151 10.85 6.76 10.68
C ARG A 151 10.79 6.73 10.67
N VAL A 152 11.16 7.13 9.46
CA VAL A 152 12.05 6.33 8.64
C VAL A 152 13.40 6.17 9.35
N ASN A 153 13.94 4.96 9.31
CA ASN A 153 15.25 4.66 9.85
C ASN A 153 15.97 3.63 9.00
N HIS A 154 17.21 3.36 9.37
CA HIS A 154 18.15 2.60 8.55
C HIS A 154 18.75 1.45 9.34
N ILE A 155 18.86 0.29 8.69
CA ILE A 155 19.42 -0.89 9.34
C ILE A 155 20.91 -0.68 9.63
N ASP A 156 21.36 -1.23 10.74
CA ASP A 156 22.78 -1.23 11.06
C ASP A 156 23.49 -2.24 10.16
N THR A 157 24.48 -1.78 9.41
CA THR A 157 25.08 -2.61 8.39
C THR A 157 25.85 -3.76 9.00
N LYS A 158 26.50 -3.56 10.14
CA LYS A 158 27.25 -4.65 10.74
C LYS A 158 26.29 -5.75 11.23
N TRP A 159 25.22 -5.35 11.89
CA TRP A 159 24.21 -6.32 12.32
C TRP A 159 23.61 -7.08 11.14
N PHE A 160 23.25 -6.35 10.10
CA PHE A 160 22.76 -6.96 8.87
C PHE A 160 23.71 -8.02 8.33
N GLU A 161 25.00 -7.71 8.31
N GLU A 161 25.01 -7.72 8.34
CA GLU A 161 25.98 -8.64 7.75
CA GLU A 161 25.99 -8.63 7.76
C GLU A 161 26.03 -9.95 8.55
C GLU A 161 26.16 -9.91 8.57
N ASP A 162 25.89 -9.82 9.87
CA ASP A 162 26.16 -10.93 10.79
C ASP A 162 24.95 -11.80 11.14
N THR A 163 23.75 -11.24 11.06
CA THR A 163 22.59 -11.90 11.61
C THR A 163 22.04 -13.02 10.71
N GLU A 164 21.63 -14.11 11.35
CA GLU A 164 20.99 -15.18 10.59
C GLU A 164 19.71 -14.72 9.91
N TRP A 165 19.06 -13.69 10.47
CA TRP A 165 17.73 -13.29 10.02
C TRP A 165 17.75 -12.62 8.64
N TYR A 166 18.93 -12.27 8.15
CA TYR A 166 19.13 -11.66 6.83
C TYR A 166 20.04 -12.48 5.91
N LYS A 167 20.30 -13.73 6.26
CA LYS A 167 20.99 -14.59 5.32
C LYS A 167 20.30 -14.62 3.96
N PHE A 168 18.96 -14.62 3.93
CA PHE A 168 18.28 -14.72 2.65
C PHE A 168 18.66 -13.54 1.74
N ALA A 169 18.86 -12.39 2.37
CA ALA A 169 19.17 -11.18 1.61
C ALA A 169 20.62 -11.24 1.08
N ARG A 170 21.53 -11.71 1.92
CA ARG A 170 22.95 -11.82 1.53
C ARG A 170 23.12 -12.82 0.39
N VAL A 171 22.34 -13.89 0.37
CA VAL A 171 22.43 -14.86 -0.69
C VAL A 171 22.06 -14.22 -2.04
N SER A 172 20.93 -13.53 -2.09
CA SER A 172 20.54 -12.84 -3.35
C SER A 172 21.54 -11.76 -3.72
N ARG A 173 22.14 -11.08 -2.74
CA ARG A 173 23.15 -10.07 -3.05
C ARG A 173 24.34 -10.71 -3.78
N GLU A 174 24.78 -11.85 -3.26
CA GLU A 174 25.91 -12.57 -3.85
C GLU A 174 25.57 -13.04 -5.27
N GLN A 175 24.36 -13.56 -5.44
CA GLN A 175 23.95 -14.07 -6.75
C GLN A 175 23.84 -12.95 -7.76
N ALA A 176 23.24 -11.85 -7.35
CA ALA A 176 23.11 -10.68 -8.24
C ALA A 176 24.47 -10.15 -8.62
N GLY A 177 25.39 -10.14 -7.67
CA GLY A 177 26.74 -9.68 -7.92
C GLY A 177 27.47 -10.45 -9.01
N LYS A 178 27.22 -11.76 -9.08
N LYS A 178 27.23 -11.76 -9.10
CA LYS A 178 27.81 -12.58 -10.15
CA LYS A 178 27.87 -12.55 -10.15
C LYS A 178 27.43 -12.03 -11.52
C LYS A 178 27.35 -12.19 -11.55
N ALA A 179 26.22 -11.49 -11.60
CA ALA A 179 25.66 -10.98 -12.85
C ALA A 179 25.98 -9.49 -13.04
N GLY A 180 26.86 -8.96 -12.20
CA GLY A 180 27.27 -7.58 -12.32
C GLY A 180 26.25 -6.57 -11.79
N LEU A 181 25.35 -7.03 -10.92
CA LEU A 181 24.33 -6.17 -10.35
C LEU A 181 24.62 -5.93 -8.87
N GLY A 182 24.49 -4.68 -8.46
CA GLY A 182 24.66 -4.29 -7.08
C GLY A 182 23.32 -4.25 -6.36
N THR A 183 23.39 -4.09 -5.05
CA THR A 183 22.19 -3.95 -4.22
C THR A 183 22.20 -2.63 -3.47
N VAL A 184 21.06 -2.33 -2.86
N VAL A 184 21.03 -2.26 -2.95
CA VAL A 184 20.83 -1.06 -2.17
CA VAL A 184 20.88 -1.07 -2.13
C VAL A 184 20.01 -1.30 -0.89
C VAL A 184 20.13 -1.45 -0.86
N PHE A 185 20.47 -0.79 0.25
CA PHE A 185 19.68 -0.88 1.48
C PHE A 185 18.40 -0.07 1.33
N VAL A 186 17.32 -0.59 1.89
CA VAL A 186 16.00 -0.02 1.78
C VAL A 186 15.64 0.51 3.16
N PRO A 187 15.42 1.82 3.31
CA PRO A 187 14.96 2.36 4.60
C PRO A 187 13.58 1.86 4.98
N ASN A 188 13.23 1.97 6.26
CA ASN A 188 11.99 1.37 6.74
C ASN A 188 11.43 2.16 7.90
N VAL A 189 10.13 1.96 8.13
CA VAL A 189 9.48 2.50 9.33
C VAL A 189 9.42 1.48 10.48
N TYR A 190 9.86 0.26 10.23
CA TYR A 190 10.06 -0.70 11.32
C TYR A 190 11.33 -0.28 12.03
N ASP A 191 11.26 -0.24 13.35
N ASP A 191 11.27 -0.20 13.35
CA ASP A 191 12.40 0.17 14.17
CA ASP A 191 12.43 0.27 14.13
C ASP A 191 13.50 -0.88 14.10
C ASP A 191 13.50 -0.82 14.14
N PHE A 192 14.59 -0.57 13.42
CA PHE A 192 15.66 -1.55 13.31
C PHE A 192 16.41 -1.79 14.63
N GLY A 193 16.42 -0.81 15.53
CA GLY A 193 17.00 -1.02 16.84
C GLY A 193 16.19 -2.05 17.62
N TYR A 194 14.87 -1.93 17.54
CA TYR A 194 13.98 -2.90 18.15
C TYR A 194 14.24 -4.26 17.52
N MET A 195 14.39 -4.32 16.19
CA MET A 195 14.63 -5.60 15.55
C MET A 195 15.91 -6.28 16.04
N GLN A 196 16.97 -5.50 16.25
CA GLN A 196 18.18 -6.06 16.83
C GLN A 196 17.92 -6.66 18.20
N ARG A 197 17.14 -5.95 19.01
N ARG A 197 17.14 -5.97 19.02
CA ARG A 197 16.77 -6.45 20.33
CA ARG A 197 16.82 -6.49 20.34
C ARG A 197 15.99 -7.74 20.22
C ARG A 197 15.92 -7.73 20.27
N GLU A 198 15.09 -7.85 19.24
CA GLU A 198 14.33 -9.09 19.02
C GLU A 198 15.26 -10.26 18.85
N ALA A 199 16.29 -10.06 18.03
CA ALA A 199 17.19 -11.16 17.67
C ALA A 199 18.01 -11.57 18.87
N ALA A 200 18.28 -10.60 19.74
CA ALA A 200 18.99 -10.85 20.98
C ALA A 200 18.11 -11.44 22.10
N GLY A 201 16.83 -11.69 21.82
CA GLY A 201 15.94 -12.27 22.83
C GLY A 201 15.52 -11.32 23.93
N GLU A 202 15.60 -10.02 23.68
CA GLU A 202 15.39 -9.00 24.70
C GLU A 202 14.03 -8.37 24.72
N VAL A 203 13.29 -8.49 23.63
CA VAL A 203 11.96 -7.88 23.52
C VAL A 203 11.06 -8.81 22.70
N PRO A 204 9.75 -8.68 22.83
CA PRO A 204 8.85 -9.57 22.07
C PRO A 204 9.08 -9.46 20.55
N LYS A 205 9.14 -10.62 19.90
CA LYS A 205 9.38 -10.64 18.47
C LYS A 205 8.13 -10.31 17.67
N SER A 206 8.35 -9.69 16.52
CA SER A 206 7.29 -9.44 15.56
C SER A 206 7.84 -9.72 14.15
N ALA A 207 8.70 -8.84 13.64
CA ALA A 207 9.40 -9.14 12.39
C ALA A 207 10.11 -10.48 12.43
N LEU A 208 10.63 -10.86 13.59
CA LEU A 208 11.37 -12.10 13.72
C LEU A 208 10.46 -13.20 14.26
N ALA A 209 9.15 -13.02 14.19
CA ALA A 209 8.16 -14.05 14.53
C ALA A 209 7.11 -14.15 13.43
N THR A 210 7.54 -13.98 12.18
N THR A 210 7.57 -13.98 12.19
CA THR A 210 6.68 -14.20 11.02
CA THR A 210 6.76 -14.18 10.99
C THR A 210 5.38 -13.37 11.09
C THR A 210 5.43 -13.37 11.00
N GLU A 211 5.56 -12.08 11.36
CA GLU A 211 4.46 -11.11 11.29
C GLU A 211 4.79 -10.01 10.31
N VAL A 212 3.83 -9.65 9.46
CA VAL A 212 3.87 -8.39 8.73
C VAL A 212 2.54 -8.11 8.04
N ILE A 213 2.07 -9.08 7.26
N ILE A 213 2.08 -9.01 7.18
CA ILE A 213 1.01 -8.81 6.29
CA ILE A 213 0.96 -8.65 6.29
C ILE A 213 -0.39 -8.81 6.93
C ILE A 213 -0.40 -8.66 7.00
N TYR A 214 -0.50 -9.30 8.16
CA TYR A 214 -1.69 -9.15 8.97
C TYR A 214 -1.45 -8.22 10.16
N GLY A 215 -0.45 -7.36 10.02
CA GLY A 215 -0.08 -6.48 11.13
C GLY A 215 1.14 -6.93 11.88
N ASN A 216 1.80 -5.98 12.53
CA ASN A 216 2.93 -6.24 13.40
C ASN A 216 2.56 -5.88 14.82
N ASN A 217 2.64 -6.84 15.74
CA ASN A 217 2.35 -6.54 17.13
C ASN A 217 3.39 -5.64 17.80
N HIS A 218 4.58 -5.54 17.23
CA HIS A 218 5.65 -4.71 17.77
C HIS A 218 6.49 -4.14 16.61
N GLY A 219 7.28 -3.11 16.90
CA GLY A 219 8.33 -2.67 15.99
C GLY A 219 7.93 -1.73 14.86
N LYS A 220 6.83 -2.02 14.17
CA LYS A 220 6.50 -1.25 12.97
C LYS A 220 5.76 0.04 13.32
N GLN A 221 6.28 1.17 12.86
CA GLN A 221 5.68 2.48 13.15
C GLN A 221 4.65 2.77 12.06
N SER A 222 3.51 2.14 12.20
CA SER A 222 2.36 2.41 11.36
C SER A 222 1.78 3.80 11.67
N LEU A 223 0.82 4.26 10.88
CA LEU A 223 0.38 5.66 10.92
C LEU A 223 -0.34 5.97 12.21
N ASP A 224 -0.96 4.96 12.84
CA ASP A 224 -1.58 5.21 14.13
C ASP A 224 -0.58 5.70 15.20
N LYS A 225 0.69 5.35 15.07
CA LYS A 225 1.72 5.80 16.00
C LYS A 225 2.36 7.13 15.58
N THR A 226 2.28 7.46 14.31
CA THR A 226 2.98 8.63 13.78
C THR A 226 2.00 9.76 13.42
N TYR A 227 1.63 9.90 12.17
CA TYR A 227 0.76 11.03 11.79
C TYR A 227 -0.55 11.05 12.52
N LEU A 228 -1.22 9.91 12.70
CA LEU A 228 -2.54 9.95 13.30
C LEU A 228 -2.48 10.24 14.81
N ALA A 229 -1.48 9.71 15.52
CA ALA A 229 -1.29 10.08 16.91
C ALA A 229 -1.09 11.60 17.03
N ALA A 230 -0.28 12.17 16.15
CA ALA A 230 -0.06 13.61 16.17
C ALA A 230 -1.35 14.38 15.85
N ALA A 231 -2.10 13.90 14.87
CA ALA A 231 -3.37 14.54 14.52
C ALA A 231 -4.34 14.55 15.72
N LEU A 232 -4.47 13.41 16.39
CA LEU A 232 -5.32 13.36 17.56
C LEU A 232 -4.81 14.30 18.66
N GLY A 233 -3.49 14.43 18.75
CA GLY A 233 -2.85 15.32 19.69
C GLY A 233 -3.14 16.80 19.53
N THR A 234 -3.62 17.20 18.35
CA THR A 234 -3.93 18.61 18.12
C THR A 234 -5.17 19.06 18.86
N GLY A 235 -5.99 18.12 19.29
CA GLY A 235 -7.28 18.43 19.91
C GLY A 235 -8.39 18.77 18.94
N LYS A 236 -8.09 18.72 17.65
CA LYS A 236 -9.02 19.12 16.60
C LYS A 236 -9.47 18.00 15.66
N VAL A 237 -9.05 16.77 15.95
CA VAL A 237 -9.29 15.63 15.05
C VAL A 237 -9.93 14.50 15.83
N THR A 238 -11.00 13.94 15.27
CA THR A 238 -11.59 12.70 15.82
C THR A 238 -11.68 11.67 14.70
N ILE A 239 -11.69 10.40 15.11
CA ILE A 239 -11.73 9.28 14.18
C ILE A 239 -12.88 8.37 14.57
N GLN A 240 -13.80 8.14 13.64
CA GLN A 240 -14.89 7.18 13.85
C GLN A 240 -14.64 5.97 12.98
N THR A 241 -14.66 4.80 13.61
CA THR A 241 -14.32 3.54 12.96
C THR A 241 -15.58 2.74 12.59
N LEU A 242 -15.39 1.74 11.74
CA LEU A 242 -16.50 0.92 11.22
C LEU A 242 -17.58 1.82 10.62
N HIS A 243 -17.12 2.92 10.02
CA HIS A 243 -17.98 3.88 9.31
C HIS A 243 -17.50 3.97 7.86
N GLN A 244 -18.32 3.51 6.93
CA GLN A 244 -17.98 3.51 5.51
C GLN A 244 -18.82 4.57 4.80
N VAL A 245 -18.17 5.49 4.11
CA VAL A 245 -18.88 6.45 3.27
C VAL A 245 -19.35 5.73 2.01
N LYS A 246 -20.62 5.92 1.67
N LYS A 246 -20.62 5.93 1.67
CA LYS A 246 -21.23 5.30 0.49
CA LYS A 246 -21.21 5.36 0.47
C LYS A 246 -21.57 6.27 -0.64
C LYS A 246 -21.34 6.41 -0.63
N THR A 247 -22.04 7.48 -0.33
CA THR A 247 -22.34 8.47 -1.34
C THR A 247 -21.88 9.85 -0.91
N ILE A 248 -21.60 10.68 -1.90
CA ILE A 248 -21.18 12.08 -1.73
C ILE A 248 -22.03 12.95 -2.66
N ARG A 249 -22.61 14.03 -2.14
CA ARG A 249 -23.34 15.02 -2.94
C ARG A 249 -22.92 16.43 -2.52
N GLN A 250 -23.16 17.37 -3.42
N GLN A 250 -23.16 17.39 -3.39
CA GLN A 250 -22.99 18.80 -3.17
CA GLN A 250 -22.92 18.79 -3.06
C GLN A 250 -24.28 19.35 -2.61
C GLN A 250 -24.20 19.48 -2.68
N THR A 251 -24.18 20.06 -1.49
CA THR A 251 -25.36 20.72 -0.95
C THR A 251 -25.64 22.02 -1.74
N LYS A 252 -26.82 22.62 -1.59
N LYS A 252 -26.92 22.42 -1.55
CA LYS A 252 -27.16 23.76 -2.44
CA LYS A 252 -27.51 23.77 -1.67
C LYS A 252 -26.23 24.96 -2.20
C LYS A 252 -26.57 24.97 -1.90
N ASP A 253 -25.61 25.03 -1.02
CA ASP A 253 -24.79 26.19 -0.70
C ASP A 253 -23.30 25.87 -0.89
N GLY A 254 -23.00 24.74 -1.53
CA GLY A 254 -21.64 24.44 -1.92
C GLY A 254 -20.81 23.64 -0.93
N GLY A 255 -21.41 23.14 0.16
CA GLY A 255 -20.78 22.16 1.03
C GLY A 255 -21.02 20.75 0.49
N TYR A 256 -20.65 19.74 1.28
CA TYR A 256 -20.78 18.33 0.88
C TYR A 256 -21.53 17.55 1.93
N ALA A 257 -22.36 16.64 1.47
CA ALA A 257 -23.11 15.74 2.38
C ALA A 257 -22.83 14.30 1.99
N LEU A 258 -22.69 13.47 3.02
CA LEU A 258 -22.28 12.09 2.88
C LEU A 258 -23.32 11.16 3.48
N THR A 259 -23.56 10.03 2.84
CA THR A 259 -24.24 8.93 3.55
C THR A 259 -23.18 7.96 4.05
N VAL A 260 -23.32 7.59 5.31
CA VAL A 260 -22.27 6.86 6.00
C VAL A 260 -22.91 5.69 6.74
N GLU A 261 -22.45 4.47 6.46
CA GLU A 261 -22.96 3.27 7.13
C GLU A 261 -22.07 2.89 8.30
N GLN A 262 -22.69 2.69 9.46
CA GLN A 262 -22.01 2.16 10.62
C GLN A 262 -22.31 0.68 10.74
N LYS A 263 -21.29 -0.14 10.84
CA LYS A 263 -21.42 -1.58 10.99
C LYS A 263 -20.74 -2.09 12.24
N ASP A 264 -21.08 -3.29 12.69
CA ASP A 264 -20.26 -3.96 13.69
C ASP A 264 -19.16 -4.82 13.01
N THR A 265 -18.33 -5.47 13.81
CA THR A 265 -17.22 -6.25 13.27
C THR A 265 -17.65 -7.52 12.55
N ASP A 266 -18.91 -7.92 12.70
CA ASP A 266 -19.48 -9.01 11.92
C ASP A 266 -20.11 -8.51 10.62
N GLY A 267 -20.02 -7.20 10.35
CA GLY A 267 -20.59 -6.67 9.14
C GLY A 267 -22.08 -6.34 9.19
N LYS A 268 -22.69 -6.43 10.35
CA LYS A 268 -24.10 -6.08 10.47
C LYS A 268 -24.29 -4.56 10.44
N LEU A 269 -25.27 -4.10 9.67
CA LEU A 269 -25.58 -2.67 9.57
C LEU A 269 -26.30 -2.20 10.84
N LEU A 270 -25.67 -1.27 11.54
CA LEU A 270 -26.21 -0.69 12.76
C LEU A 270 -26.99 0.60 12.52
N ALA A 271 -26.54 1.41 11.57
CA ALA A 271 -27.15 2.71 11.31
C ALA A 271 -26.63 3.29 10.02
N THR A 272 -27.42 4.14 9.40
CA THR A 272 -26.97 4.97 8.28
C THR A 272 -27.19 6.41 8.69
N LYS A 273 -26.11 7.18 8.52
N LYS A 273 -26.18 7.27 8.52
CA LYS A 273 -26.00 8.53 9.01
CA LYS A 273 -26.36 8.68 8.89
C LYS A 273 -25.77 9.49 7.86
C LYS A 273 -25.79 9.63 7.84
N GLU A 274 -26.22 10.71 8.06
N GLU A 274 -26.35 10.83 7.82
CA GLU A 274 -25.88 11.84 7.22
CA GLU A 274 -25.88 11.89 6.95
C GLU A 274 -24.83 12.66 7.94
C GLU A 274 -24.99 12.87 7.72
N ILE A 275 -23.76 13.00 7.21
CA ILE A 275 -22.70 13.85 7.77
C ILE A 275 -22.42 14.91 6.70
N SER A 276 -22.37 16.17 7.07
CA SER A 276 -22.02 17.21 6.10
C SER A 276 -20.82 18.01 6.55
N CYS A 277 -20.24 18.76 5.62
CA CYS A 277 -19.00 19.47 5.87
C CYS A 277 -18.81 20.60 4.88
N ARG A 278 -17.85 21.47 5.17
CA ARG A 278 -17.41 22.51 4.25
C ARG A 278 -16.28 22.03 3.32
N TYR A 279 -15.31 21.31 3.89
CA TYR A 279 -14.19 20.80 3.15
C TYR A 279 -14.18 19.29 3.22
N LEU A 280 -14.08 18.64 2.06
CA LEU A 280 -14.12 17.19 1.99
C LEU A 280 -12.85 16.67 1.33
N PHE A 281 -12.15 15.81 2.07
CA PHE A 281 -10.88 15.20 1.65
C PHE A 281 -11.05 13.69 1.51
N LEU A 282 -10.79 13.18 0.31
CA LEU A 282 -10.82 11.73 0.07
C LEU A 282 -9.42 11.13 0.25
N GLY A 283 -9.35 10.19 1.19
CA GLY A 283 -8.15 9.40 1.43
C GLY A 283 -8.48 7.92 1.56
N ALA A 284 -9.40 7.48 0.72
CA ALA A 284 -9.89 6.11 0.73
C ALA A 284 -9.05 5.13 -0.12
N GLY A 285 -7.95 5.63 -0.66
CA GLY A 285 -7.02 4.84 -1.46
C GLY A 285 -7.33 4.92 -2.94
N SER A 286 -6.39 4.43 -3.74
CA SER A 286 -6.59 4.26 -5.16
C SER A 286 -7.94 3.62 -5.49
N LEU A 287 -8.24 2.51 -4.83
CA LEU A 287 -9.52 1.83 -5.08
C LEU A 287 -10.71 2.60 -4.50
N GLY A 288 -10.60 3.02 -3.24
CA GLY A 288 -11.75 3.53 -2.52
C GLY A 288 -12.15 4.95 -2.93
N SER A 289 -11.18 5.82 -3.16
CA SER A 289 -11.48 7.20 -3.59
C SER A 289 -12.05 7.19 -4.99
N THR A 290 -11.41 6.40 -5.86
CA THR A 290 -11.86 6.33 -7.23
C THR A 290 -13.29 5.77 -7.29
N GLU A 291 -13.58 4.73 -6.51
CA GLU A 291 -14.93 4.19 -6.50
C GLU A 291 -15.97 5.23 -6.07
N LEU A 292 -15.67 6.00 -5.03
CA LEU A 292 -16.62 7.01 -4.57
C LEU A 292 -16.91 8.04 -5.66
N LEU A 293 -15.87 8.44 -6.38
CA LEU A 293 -16.05 9.47 -7.40
C LEU A 293 -16.72 8.94 -8.69
N VAL A 294 -16.39 7.74 -9.17
N VAL A 294 -16.33 7.77 -9.13
CA VAL A 294 -17.10 7.20 -10.34
CA VAL A 294 -16.97 7.16 -10.26
C VAL A 294 -18.57 6.93 -10.00
C VAL A 294 -18.48 7.00 -9.95
N ARG A 295 -18.81 6.47 -8.78
CA ARG A 295 -20.19 6.33 -8.35
C ARG A 295 -20.92 7.67 -8.34
N ALA A 296 -20.32 8.70 -7.75
CA ALA A 296 -20.97 10.00 -7.67
C ALA A 296 -21.22 10.57 -9.06
N ARG A 297 -20.28 10.42 -9.98
CA ARG A 297 -20.49 10.93 -11.33
C ARG A 297 -21.66 10.21 -12.00
N ASP A 298 -21.61 8.89 -12.01
N ASP A 298 -21.61 8.89 -11.95
CA ASP A 298 -22.54 8.13 -12.82
CA ASP A 298 -22.46 8.08 -12.80
C ASP A 298 -23.94 8.08 -12.24
C ASP A 298 -23.82 7.72 -12.16
N THR A 299 -24.05 8.16 -10.91
CA THR A 299 -25.37 8.15 -10.27
C THR A 299 -25.95 9.57 -10.11
N GLY A 300 -25.21 10.57 -10.62
CA GLY A 300 -25.74 11.92 -10.69
C GLY A 300 -25.63 12.78 -9.46
N THR A 301 -24.89 12.36 -8.45
CA THR A 301 -24.74 13.17 -7.25
C THR A 301 -23.57 14.16 -7.31
N LEU A 302 -22.58 13.92 -8.17
CA LEU A 302 -21.55 14.92 -8.48
C LEU A 302 -21.43 14.93 -10.00
N PRO A 303 -22.45 15.48 -10.66
CA PRO A 303 -22.54 15.35 -12.12
C PRO A 303 -21.47 16.13 -12.90
N ASN A 304 -20.74 17.01 -12.24
N ASN A 304 -20.74 17.03 -12.24
CA ASN A 304 -19.73 17.82 -12.94
CA ASN A 304 -19.75 17.87 -12.93
C ASN A 304 -18.31 17.28 -12.84
C ASN A 304 -18.35 17.22 -13.00
N LEU A 305 -18.19 16.04 -12.38
CA LEU A 305 -16.91 15.33 -12.45
C LEU A 305 -16.54 15.02 -13.91
N ASN A 306 -15.25 15.10 -14.20
CA ASN A 306 -14.79 14.93 -15.56
C ASN A 306 -14.54 13.46 -15.96
N SER A 307 -14.22 13.28 -17.23
CA SER A 307 -14.09 11.97 -17.80
C SER A 307 -12.81 11.25 -17.36
N GLU A 308 -11.88 12.01 -16.77
CA GLU A 308 -10.64 11.43 -16.30
C GLU A 308 -10.82 10.71 -14.97
N VAL A 309 -11.89 10.98 -14.25
CA VAL A 309 -12.19 10.22 -13.04
C VAL A 309 -12.40 8.76 -13.44
N GLY A 310 -11.62 7.88 -12.80
CA GLY A 310 -11.61 6.46 -13.14
C GLY A 310 -10.43 6.00 -13.94
N ALA A 311 -9.78 6.92 -14.65
CA ALA A 311 -8.76 6.56 -15.62
C ALA A 311 -7.36 6.48 -15.03
N GLY A 312 -6.45 5.90 -15.79
CA GLY A 312 -5.03 5.96 -15.49
C GLY A 312 -4.56 5.10 -14.32
N TRP A 313 -5.19 3.97 -14.10
CA TRP A 313 -4.77 3.06 -13.05
C TRP A 313 -3.65 2.12 -13.51
N GLY A 314 -2.67 1.91 -12.65
CA GLY A 314 -1.67 0.87 -12.86
C GLY A 314 -1.24 0.24 -11.55
N PRO A 315 -0.66 -0.95 -11.63
CA PRO A 315 -0.27 -1.69 -10.42
C PRO A 315 1.17 -1.42 -9.98
N ASN A 316 1.71 -0.25 -10.32
CA ASN A 316 3.11 0.06 -10.05
C ASN A 316 4.04 -1.00 -10.64
N GLY A 317 3.65 -1.59 -11.76
CA GLY A 317 4.47 -2.59 -12.41
C GLY A 317 4.78 -3.80 -11.57
N ASN A 318 3.95 -4.11 -10.57
CA ASN A 318 4.24 -5.18 -9.61
C ASN A 318 4.24 -6.56 -10.28
N ILE A 319 5.32 -7.30 -10.08
CA ILE A 319 5.46 -8.69 -10.52
C ILE A 319 6.24 -9.45 -9.45
N MET A 320 5.84 -10.68 -9.14
N MET A 320 5.82 -10.67 -9.12
N MET A 320 5.84 -10.68 -9.15
CA MET A 320 6.62 -11.50 -8.21
CA MET A 320 6.59 -11.53 -8.20
CA MET A 320 6.57 -11.52 -8.19
C MET A 320 7.17 -12.74 -8.89
C MET A 320 7.25 -12.62 -9.00
C MET A 320 7.19 -12.71 -8.93
N THR A 321 8.43 -13.05 -8.56
CA THR A 321 9.09 -14.21 -9.16
C THR A 321 10.03 -14.80 -8.13
N ALA A 322 10.53 -15.99 -8.43
CA ALA A 322 11.37 -16.73 -7.50
C ALA A 322 12.39 -17.58 -8.23
N ARG A 323 13.56 -17.71 -7.60
CA ARG A 323 14.67 -18.54 -8.09
C ARG A 323 14.97 -19.65 -7.11
N ALA A 324 15.32 -20.82 -7.65
CA ALA A 324 15.81 -21.95 -6.88
C ALA A 324 17.31 -21.85 -6.69
N ASN A 325 17.75 -21.75 -5.45
CA ASN A 325 19.17 -21.66 -5.19
C ASN A 325 19.87 -23.03 -5.28
N HIS A 326 21.15 -22.96 -5.55
CA HIS A 326 22.01 -24.13 -5.38
C HIS A 326 21.95 -24.62 -3.94
N MET A 327 22.17 -25.91 -3.74
N MET A 327 22.16 -25.91 -3.75
CA MET A 327 22.08 -26.50 -2.40
CA MET A 327 22.10 -26.50 -2.42
C MET A 327 23.09 -25.90 -1.44
C MET A 327 23.05 -25.82 -1.46
N TRP A 328 24.20 -25.39 -1.97
CA TRP A 328 25.20 -24.74 -1.14
C TRP A 328 24.87 -23.29 -0.75
N ASN A 329 23.74 -22.77 -1.24
CA ASN A 329 23.26 -21.40 -0.92
C ASN A 329 21.89 -21.41 -0.25
N PRO A 330 21.79 -22.04 0.92
CA PRO A 330 20.51 -22.02 1.65
C PRO A 330 20.17 -20.60 2.07
N THR A 331 18.88 -20.27 2.08
CA THR A 331 18.46 -18.93 2.44
C THR A 331 18.13 -18.80 3.92
N GLY A 332 18.05 -19.91 4.65
CA GLY A 332 17.81 -19.91 6.08
C GLY A 332 16.39 -20.23 6.47
N ALA A 333 16.24 -20.89 7.62
CA ALA A 333 14.92 -21.12 8.20
C ALA A 333 14.39 -19.89 8.91
N HIS A 334 15.29 -18.99 9.27
CA HIS A 334 14.94 -17.78 10.00
C HIS A 334 15.14 -16.57 9.13
N GLN A 335 14.03 -16.00 8.68
CA GLN A 335 14.07 -14.84 7.77
C GLN A 335 13.21 -13.73 8.37
N SER A 336 13.81 -12.58 8.60
CA SER A 336 13.03 -11.43 9.04
C SER A 336 11.93 -11.15 8.04
N SER A 337 10.73 -10.80 8.54
N SER A 337 10.73 -10.80 8.51
CA SER A 337 9.61 -10.52 7.68
CA SER A 337 9.62 -10.53 7.60
C SER A 337 9.66 -9.15 7.00
C SER A 337 9.77 -9.19 6.88
N ILE A 338 10.65 -8.34 7.36
CA ILE A 338 10.86 -7.01 6.79
C ILE A 338 12.04 -7.05 5.81
N PRO A 339 11.80 -6.78 4.52
CA PRO A 339 12.94 -6.74 3.58
C PRO A 339 13.91 -5.63 3.95
N ALA A 340 15.18 -5.81 3.61
CA ALA A 340 16.20 -4.81 3.86
C ALA A 340 17.01 -4.43 2.63
N LEU A 341 16.98 -5.27 1.59
CA LEU A 341 17.83 -5.07 0.42
C LEU A 341 17.02 -5.14 -0.85
N GLY A 342 17.39 -4.33 -1.83
CA GLY A 342 16.85 -4.42 -3.16
C GLY A 342 17.91 -4.40 -4.24
N ILE A 343 17.50 -4.71 -5.45
CA ILE A 343 18.35 -4.61 -6.61
C ILE A 343 17.83 -3.43 -7.42
N ASP A 344 18.63 -2.37 -7.55
CA ASP A 344 18.24 -1.19 -8.33
C ASP A 344 18.81 -1.30 -9.73
N ALA A 345 17.97 -1.74 -10.64
CA ALA A 345 18.28 -1.79 -12.08
C ALA A 345 17.31 -0.89 -12.82
N TRP A 346 17.02 0.25 -12.21
CA TRP A 346 16.04 1.19 -12.75
C TRP A 346 16.76 2.36 -13.41
N ASP A 347 16.65 2.50 -14.73
CA ASP A 347 17.32 3.58 -15.48
C ASP A 347 16.33 4.44 -16.26
N ASN A 348 15.04 4.28 -15.95
CA ASN A 348 13.92 5.01 -16.56
C ASN A 348 13.54 4.51 -17.95
N SER A 349 14.26 3.51 -18.47
CA SER A 349 13.88 2.88 -19.72
C SER A 349 12.81 1.84 -19.46
N ASP A 350 12.22 1.30 -20.53
CA ASP A 350 11.19 0.28 -20.36
C ASP A 350 11.73 -1.07 -19.85
N SER A 351 13.06 -1.20 -19.76
N SER A 351 13.06 -1.23 -19.76
N SER A 351 13.06 -1.20 -19.76
CA SER A 351 13.67 -2.40 -19.17
CA SER A 351 13.63 -2.42 -19.17
CA SER A 351 13.68 -2.39 -19.18
C SER A 351 13.89 -2.26 -17.67
C SER A 351 13.96 -2.22 -17.68
C SER A 351 13.92 -2.24 -17.68
N SER A 352 13.53 -1.10 -17.11
CA SER A 352 13.79 -0.80 -15.71
C SER A 352 13.19 -1.83 -14.77
N VAL A 353 13.95 -2.17 -13.73
CA VAL A 353 13.42 -2.97 -12.64
C VAL A 353 14.03 -2.48 -11.34
N PHE A 354 13.20 -2.28 -10.32
CA PHE A 354 13.65 -2.08 -8.96
C PHE A 354 13.05 -3.27 -8.21
N ALA A 355 13.89 -4.18 -7.73
CA ALA A 355 13.39 -5.43 -7.15
C ALA A 355 13.74 -5.52 -5.68
N GLU A 356 12.78 -5.85 -4.86
CA GLU A 356 13.15 -6.13 -3.49
C GLU A 356 13.31 -7.61 -3.27
N ILE A 357 14.27 -7.93 -2.41
CA ILE A 357 14.57 -9.29 -2.05
C ILE A 357 13.66 -9.61 -0.85
N ALA A 358 12.66 -10.45 -1.10
CA ALA A 358 11.57 -10.65 -0.17
C ALA A 358 11.84 -11.88 0.67
N PRO A 359 11.55 -11.80 1.98
CA PRO A 359 11.70 -12.98 2.83
C PRO A 359 10.56 -13.94 2.61
N MET A 360 10.75 -15.17 3.04
N MET A 360 10.79 -15.19 3.04
CA MET A 360 9.63 -16.07 3.01
CA MET A 360 9.81 -16.28 2.98
C MET A 360 9.41 -16.61 4.38
C MET A 360 9.46 -16.78 4.38
N PRO A 361 8.15 -16.88 4.70
CA PRO A 361 7.75 -17.21 6.07
C PRO A 361 7.75 -18.69 6.43
N ALA A 362 8.12 -19.59 5.53
CA ALA A 362 7.99 -21.03 5.84
C ALA A 362 8.65 -21.51 7.12
N GLY A 363 9.79 -20.96 7.50
CA GLY A 363 10.35 -21.36 8.79
C GLY A 363 11.14 -22.67 8.73
N LEU A 364 11.36 -23.16 7.52
CA LEU A 364 12.31 -24.24 7.28
C LEU A 364 13.02 -23.95 5.99
N GLU A 365 14.09 -24.69 5.70
CA GLU A 365 14.89 -24.37 4.53
C GLU A 365 14.20 -24.83 3.25
N THR A 366 14.05 -23.91 2.32
CA THR A 366 13.43 -24.21 1.03
C THR A 366 14.32 -23.91 -0.17
N TRP A 367 15.44 -23.23 0.08
CA TRP A 367 16.37 -22.78 -0.96
C TRP A 367 15.76 -21.75 -1.93
N VAL A 368 14.56 -21.21 -1.65
CA VAL A 368 13.93 -20.26 -2.57
C VAL A 368 14.35 -18.83 -2.25
N SER A 369 14.68 -18.09 -3.31
CA SER A 369 14.78 -16.64 -3.23
C SER A 369 13.54 -16.08 -3.91
N LEU A 370 12.86 -15.17 -3.21
CA LEU A 370 11.63 -14.51 -3.68
C LEU A 370 11.90 -13.05 -3.96
N TYR A 371 11.27 -12.50 -5.00
CA TYR A 371 11.47 -11.10 -5.40
C TYR A 371 10.16 -10.43 -5.75
N LEU A 372 10.02 -9.20 -5.26
N LEU A 372 9.98 -9.22 -5.23
CA LEU A 372 8.96 -8.29 -5.69
CA LEU A 372 8.94 -8.33 -5.72
C LEU A 372 9.54 -7.25 -6.62
C LEU A 372 9.65 -7.36 -6.64
N ALA A 373 9.25 -7.37 -7.91
CA ALA A 373 9.78 -6.47 -8.92
C ALA A 373 8.81 -5.32 -9.19
N ILE A 374 9.38 -4.12 -9.31
CA ILE A 374 8.66 -2.91 -9.67
C ILE A 374 9.22 -2.49 -11.04
N THR A 375 8.34 -2.37 -12.03
CA THR A 375 8.73 -2.19 -13.43
C THR A 375 8.02 -0.98 -14.04
N LYS A 376 8.43 -0.63 -15.25
CA LYS A 376 7.91 0.53 -15.99
C LYS A 376 7.13 -0.02 -17.18
N ASN A 377 5.81 -0.09 -17.04
CA ASN A 377 4.91 -0.68 -18.03
C ASN A 377 3.87 0.37 -18.29
N PRO A 378 3.77 0.89 -19.53
CA PRO A 378 2.84 1.99 -19.82
C PRO A 378 1.35 1.63 -19.81
N GLN A 379 1.02 0.35 -19.76
CA GLN A 379 -0.38 -0.04 -19.78
C GLN A 379 -1.14 0.52 -18.57
N ARG A 380 -2.37 0.97 -18.81
CA ARG A 380 -3.23 1.47 -17.74
C ARG A 380 -4.61 0.86 -17.85
N GLY A 381 -5.28 0.73 -16.70
CA GLY A 381 -6.66 0.32 -16.62
C GLY A 381 -7.57 1.47 -16.24
N THR A 382 -8.86 1.19 -16.33
CA THR A 382 -9.91 2.16 -16.03
C THR A 382 -10.93 1.54 -15.09
N PHE A 383 -11.34 2.28 -14.07
CA PHE A 383 -12.46 1.86 -13.25
C PHE A 383 -13.74 2.37 -13.90
N VAL A 384 -14.67 1.46 -14.15
CA VAL A 384 -15.94 1.73 -14.80
C VAL A 384 -17.04 1.40 -13.81
N TYR A 385 -17.97 2.34 -13.59
CA TYR A 385 -19.06 2.10 -12.66
C TYR A 385 -20.07 1.11 -13.21
N ASP A 386 -20.40 0.11 -12.41
CA ASP A 386 -21.50 -0.80 -12.70
C ASP A 386 -22.69 -0.42 -11.84
N ALA A 387 -23.68 0.23 -12.43
CA ALA A 387 -24.87 0.62 -11.68
C ALA A 387 -25.66 -0.57 -11.16
N ALA A 388 -25.58 -1.71 -11.86
CA ALA A 388 -26.34 -2.87 -11.42
C ALA A 388 -25.93 -3.32 -10.02
N THR A 389 -24.62 -3.47 -9.80
CA THR A 389 -24.11 -3.94 -8.51
C THR A 389 -23.63 -2.81 -7.60
N ASP A 390 -23.65 -1.58 -8.09
CA ASP A 390 -23.15 -0.41 -7.37
C ASP A 390 -21.66 -0.55 -6.98
N ARG A 391 -20.87 -1.02 -7.93
N ARG A 391 -20.87 -0.97 -7.95
CA ARG A 391 -19.43 -1.20 -7.71
CA ARG A 391 -19.45 -1.22 -7.78
C ARG A 391 -18.67 -0.68 -8.91
C ARG A 391 -18.70 -0.60 -8.93
N ALA A 392 -17.51 -0.09 -8.63
CA ALA A 392 -16.55 0.29 -9.66
C ALA A 392 -15.77 -0.97 -10.01
N LYS A 393 -15.78 -1.31 -11.28
CA LYS A 393 -15.07 -2.49 -11.76
C LYS A 393 -13.82 -2.07 -12.49
N LEU A 394 -12.69 -2.67 -12.17
CA LEU A 394 -11.44 -2.36 -12.84
C LEU A 394 -11.32 -3.15 -14.15
N ASN A 395 -11.12 -2.50 -15.30
N ASN A 395 -11.30 -2.40 -15.25
CA ASN A 395 -11.17 -3.25 -16.58
CA ASN A 395 -10.98 -2.90 -16.56
C ASN A 395 -9.84 -3.86 -17.13
C ASN A 395 -9.47 -2.92 -16.70
N TRP A 396 -8.88 -4.01 -16.25
CA TRP A 396 -7.52 -4.41 -16.54
C TRP A 396 -7.50 -5.87 -17.00
N THR A 397 -6.72 -6.19 -18.03
CA THR A 397 -6.58 -7.58 -18.45
C THR A 397 -5.15 -8.05 -18.17
N ARG A 398 -5.00 -9.35 -17.92
CA ARG A 398 -3.70 -9.91 -17.58
C ARG A 398 -2.65 -9.69 -18.68
N ASP A 399 -3.06 -9.68 -19.95
N ASP A 399 -3.09 -9.70 -19.94
CA ASP A 399 -2.09 -9.42 -21.02
CA ASP A 399 -2.20 -9.40 -21.05
C ASP A 399 -1.54 -7.99 -20.94
C ASP A 399 -1.52 -8.06 -20.83
N GLN A 400 -2.22 -7.12 -20.21
CA GLN A 400 -1.68 -5.78 -19.98
C GLN A 400 -0.44 -5.77 -19.09
N ASN A 401 -0.18 -6.87 -18.37
CA ASN A 401 1.06 -6.97 -17.60
C ASN A 401 2.20 -7.63 -18.36
N ALA A 402 2.01 -7.95 -19.63
CA ALA A 402 3.09 -8.59 -20.37
C ALA A 402 4.39 -7.74 -20.39
N PRO A 403 4.29 -6.41 -20.57
CA PRO A 403 5.56 -5.66 -20.55
C PRO A 403 6.27 -5.69 -19.18
N ALA A 404 5.51 -5.75 -18.08
CA ALA A 404 6.09 -5.85 -16.76
C ALA A 404 6.78 -7.20 -16.58
N VAL A 405 6.10 -8.27 -16.98
CA VAL A 405 6.71 -9.60 -16.94
C VAL A 405 7.98 -9.62 -17.79
N ASN A 406 7.94 -9.02 -18.98
CA ASN A 406 9.11 -9.06 -19.86
C ASN A 406 10.32 -8.41 -19.23
N ALA A 407 10.11 -7.25 -18.59
CA ALA A 407 11.20 -6.53 -17.96
C ALA A 407 11.76 -7.31 -16.75
N ALA A 408 10.87 -7.83 -15.91
CA ALA A 408 11.30 -8.66 -14.78
C ALA A 408 12.07 -9.88 -15.25
N LYS A 409 11.53 -10.56 -16.24
CA LYS A 409 12.18 -11.76 -16.76
C LYS A 409 13.55 -11.46 -17.35
N ALA A 410 13.72 -10.35 -18.02
CA ALA A 410 15.04 -10.03 -18.58
C ALA A 410 16.09 -9.86 -17.48
N LEU A 411 15.70 -9.23 -16.39
CA LEU A 411 16.63 -9.00 -15.30
C LEU A 411 16.99 -10.34 -14.64
N PHE A 412 15.97 -11.12 -14.29
CA PHE A 412 16.26 -12.34 -13.57
C PHE A 412 16.87 -13.43 -14.46
N ASP A 413 16.59 -13.39 -15.76
CA ASP A 413 17.32 -14.26 -16.69
C ASP A 413 18.83 -13.97 -16.63
N ARG A 414 19.24 -12.72 -16.47
CA ARG A 414 20.66 -12.40 -16.36
C ARG A 414 21.26 -13.04 -15.12
N ILE A 415 20.52 -12.98 -14.02
CA ILE A 415 20.98 -13.55 -12.77
C ILE A 415 21.05 -15.09 -12.88
N ASN A 416 20.04 -15.70 -13.47
CA ASN A 416 20.07 -17.14 -13.68
C ASN A 416 21.23 -17.57 -14.56
N LYS A 417 21.49 -16.82 -15.63
CA LYS A 417 22.56 -17.18 -16.58
C LYS A 417 23.90 -17.13 -15.89
N ALA A 418 24.13 -16.11 -15.08
CA ALA A 418 25.42 -15.95 -14.42
C ALA A 418 25.67 -17.02 -13.36
N ASN A 419 24.59 -17.60 -12.83
CA ASN A 419 24.68 -18.54 -11.71
C ASN A 419 24.35 -19.98 -12.05
N GLY A 420 23.88 -20.24 -13.25
CA GLY A 420 23.42 -21.57 -13.63
C GLY A 420 22.22 -22.04 -12.82
N THR A 421 21.34 -21.12 -12.43
CA THR A 421 20.13 -21.46 -11.66
C THR A 421 18.90 -21.35 -12.56
N ILE A 422 17.79 -21.90 -12.08
CA ILE A 422 16.51 -21.81 -12.75
C ILE A 422 15.45 -21.17 -11.82
N TYR A 423 14.34 -20.76 -12.44
CA TYR A 423 13.19 -20.29 -11.68
C TYR A 423 12.51 -21.42 -10.97
N ARG A 424 11.78 -21.11 -9.91
CA ARG A 424 10.68 -21.95 -9.48
C ARG A 424 9.47 -21.66 -10.39
N TYR A 425 8.66 -22.66 -10.64
CA TYR A 425 7.47 -22.55 -11.49
C TYR A 425 6.18 -22.94 -10.76
N ASP A 426 6.31 -23.31 -9.49
CA ASP A 426 5.22 -23.94 -8.76
C ASP A 426 4.69 -23.13 -7.58
N LEU A 427 5.13 -21.89 -7.42
CA LEU A 427 4.80 -21.14 -6.20
C LEU A 427 3.46 -20.44 -6.23
N PHE A 428 2.91 -20.26 -7.43
CA PHE A 428 1.74 -19.42 -7.69
C PHE A 428 0.61 -20.24 -8.36
N GLY A 429 0.47 -21.50 -7.97
CA GLY A 429 -0.53 -22.38 -8.58
C GLY A 429 0.04 -23.57 -9.31
N THR A 430 -0.84 -24.49 -9.68
CA THR A 430 -0.40 -25.77 -10.21
C THR A 430 0.14 -25.65 -11.63
N GLN A 431 -0.39 -24.70 -12.40
CA GLN A 431 0.10 -24.48 -13.76
C GLN A 431 1.50 -23.86 -13.69
N LEU A 432 2.42 -24.36 -14.52
CA LEU A 432 3.77 -23.80 -14.58
C LEU A 432 3.72 -22.29 -14.77
N LYS A 433 4.15 -21.54 -13.77
CA LYS A 433 4.11 -20.07 -13.86
C LYS A 433 5.21 -19.47 -12.97
N ALA A 434 6.25 -18.90 -13.59
CA ALA A 434 7.36 -18.33 -12.83
C ALA A 434 7.12 -16.88 -12.41
N PHE A 435 6.17 -16.20 -13.06
CA PHE A 435 5.94 -14.78 -12.79
C PHE A 435 4.49 -14.53 -12.41
N ALA A 436 4.27 -14.09 -11.18
CA ALA A 436 2.90 -13.77 -10.74
C ALA A 436 2.57 -12.39 -11.34
N ASP A 437 1.51 -12.32 -12.13
CA ASP A 437 1.23 -11.14 -12.95
C ASP A 437 -0.21 -10.62 -12.79
N ASP A 438 -0.91 -11.03 -11.73
CA ASP A 438 -2.31 -10.66 -11.53
C ASP A 438 -2.60 -10.30 -10.07
N PHE A 439 -1.59 -9.78 -9.39
N PHE A 439 -1.58 -9.72 -9.43
CA PHE A 439 -1.75 -9.24 -8.05
CA PHE A 439 -1.66 -9.25 -8.07
C PHE A 439 -1.19 -7.83 -8.04
C PHE A 439 -1.07 -7.85 -7.97
N CYS A 440 -1.53 -7.07 -7.00
CA CYS A 440 -1.00 -5.73 -6.81
C CYS A 440 -1.00 -5.40 -5.33
N TYR A 441 0.14 -4.98 -4.80
N TYR A 441 0.14 -4.99 -4.78
CA TYR A 441 0.21 -4.41 -3.45
CA TYR A 441 0.21 -4.40 -3.44
C TYR A 441 0.27 -2.88 -3.47
C TYR A 441 0.18 -2.87 -3.49
N HIS A 442 0.55 -2.32 -4.66
CA HIS A 442 0.75 -0.88 -4.83
C HIS A 442 -0.20 -0.29 -5.90
N PRO A 443 -1.51 -0.25 -5.61
CA PRO A 443 -2.41 0.32 -6.62
C PRO A 443 -2.20 1.84 -6.75
N LEU A 444 -2.06 2.34 -7.96
CA LEU A 444 -1.82 3.75 -8.20
C LEU A 444 -2.68 4.28 -9.31
N GLY A 445 -3.38 5.39 -9.06
CA GLY A 445 -4.16 6.06 -10.09
C GLY A 445 -5.65 5.85 -9.93
N GLY A 446 -6.39 6.35 -10.93
CA GLY A 446 -7.84 6.44 -10.87
C GLY A 446 -8.38 7.85 -10.73
N CYS A 447 -7.57 8.73 -10.13
N CYS A 447 -7.60 8.71 -10.07
CA CYS A 447 -7.98 10.13 -9.98
CA CYS A 447 -7.95 10.14 -9.90
C CYS A 447 -6.73 10.99 -10.11
C CYS A 447 -6.69 10.99 -10.09
N VAL A 448 -6.09 10.90 -11.27
CA VAL A 448 -4.72 11.31 -11.45
C VAL A 448 -4.53 12.84 -11.33
N LEU A 449 -3.50 13.20 -10.60
CA LEU A 449 -3.11 14.59 -10.36
C LEU A 449 -2.90 15.34 -11.66
N GLY A 450 -3.65 16.41 -11.85
CA GLY A 450 -3.59 17.22 -13.05
C GLY A 450 -4.53 16.76 -14.16
N LYS A 451 -5.14 15.58 -13.99
N LYS A 451 -5.22 15.64 -13.96
CA LYS A 451 -6.09 15.02 -14.95
CA LYS A 451 -6.17 15.17 -14.98
C LYS A 451 -7.51 15.10 -14.36
C LYS A 451 -7.60 15.02 -14.46
N ALA A 452 -7.78 14.30 -13.35
CA ALA A 452 -9.06 14.34 -12.65
C ALA A 452 -9.12 15.49 -11.65
N THR A 453 -7.96 16.02 -11.30
CA THR A 453 -7.80 17.08 -10.32
C THR A 453 -6.84 18.14 -10.86
N ASP A 454 -6.73 19.25 -10.14
CA ASP A 454 -5.65 20.18 -10.41
C ASP A 454 -4.33 19.63 -9.83
N ASP A 455 -3.28 20.46 -9.85
CA ASP A 455 -1.95 19.98 -9.48
C ASP A 455 -1.75 19.82 -7.97
N TYR A 456 -2.79 20.09 -7.19
CA TYR A 456 -2.79 19.91 -5.72
C TYR A 456 -3.91 18.98 -5.25
N GLY A 457 -4.54 18.25 -6.17
CA GLY A 457 -5.60 17.31 -5.81
C GLY A 457 -6.99 17.90 -5.65
N ARG A 458 -7.19 19.15 -6.07
CA ARG A 458 -8.53 19.71 -6.07
C ARG A 458 -9.33 19.08 -7.20
N VAL A 459 -10.43 18.41 -6.89
CA VAL A 459 -11.19 17.69 -7.88
C VAL A 459 -11.78 18.67 -8.91
N ALA A 460 -11.54 18.39 -10.20
CA ALA A 460 -12.03 19.26 -11.26
C ALA A 460 -13.56 19.29 -11.27
N GLY A 461 -14.10 20.49 -11.43
CA GLY A 461 -15.53 20.74 -11.43
C GLY A 461 -16.11 21.19 -10.10
N TYR A 462 -15.32 21.13 -9.02
CA TYR A 462 -15.81 21.34 -7.66
C TYR A 462 -14.84 22.18 -6.84
N LYS A 463 -15.37 22.94 -5.92
CA LYS A 463 -14.61 23.72 -4.95
C LYS A 463 -14.65 23.01 -3.59
N ASN A 464 -13.54 23.05 -2.85
CA ASN A 464 -13.49 22.48 -1.50
C ASN A 464 -13.63 20.97 -1.44
N LEU A 465 -13.28 20.32 -2.55
CA LEU A 465 -13.33 18.87 -2.70
C LEU A 465 -11.98 18.37 -3.17
N TYR A 466 -11.36 17.50 -2.39
CA TYR A 466 -9.96 17.15 -2.58
C TYR A 466 -9.76 15.64 -2.54
N VAL A 467 -8.78 15.17 -3.32
CA VAL A 467 -8.28 13.80 -3.27
C VAL A 467 -6.82 13.87 -2.83
N THR A 468 -6.41 12.93 -1.96
CA THR A 468 -5.17 13.10 -1.21
C THR A 468 -4.19 11.93 -1.31
N ASP A 469 -4.56 10.86 -2.02
CA ASP A 469 -3.98 9.54 -1.78
C ASP A 469 -3.38 8.89 -3.04
N GLY A 470 -3.18 7.57 -2.99
CA GLY A 470 -2.57 6.88 -4.12
C GLY A 470 -3.34 7.00 -5.43
N SER A 471 -4.61 7.40 -5.38
N SER A 471 -4.61 7.42 -5.38
CA SER A 471 -5.38 7.58 -6.62
CA SER A 471 -5.40 7.68 -6.59
C SER A 471 -4.82 8.75 -7.46
C SER A 471 -4.74 8.71 -7.47
N LEU A 472 -4.03 9.64 -6.83
CA LEU A 472 -3.43 10.78 -7.55
C LEU A 472 -2.26 10.40 -8.43
N ILE A 473 -1.62 9.28 -8.12
N ILE A 473 -1.58 9.31 -8.10
CA ILE A 473 -0.34 8.95 -8.76
CA ILE A 473 -0.32 9.01 -8.76
C ILE A 473 -0.62 8.28 -10.11
C ILE A 473 -0.60 8.30 -10.09
N PRO A 474 0.10 8.71 -11.17
CA PRO A 474 -0.19 8.17 -12.50
C PRO A 474 0.41 6.76 -12.73
N GLY A 475 -0.09 5.79 -11.96
CA GLY A 475 0.14 4.38 -12.22
C GLY A 475 1.47 3.75 -11.86
N SER A 476 2.46 4.59 -11.55
CA SER A 476 3.84 4.12 -11.40
C SER A 476 4.69 5.16 -10.68
N VAL A 477 5.52 4.72 -9.74
CA VAL A 477 6.56 5.58 -9.19
C VAL A 477 7.94 4.95 -9.16
N GLY A 478 8.06 3.68 -9.53
CA GLY A 478 9.38 3.04 -9.70
C GLY A 478 10.00 2.52 -8.41
N VAL A 479 9.29 2.72 -7.30
CA VAL A 479 9.72 2.31 -5.96
C VAL A 479 8.47 2.04 -5.12
N ASN A 480 8.63 1.56 -3.91
CA ASN A 480 7.47 1.38 -3.03
C ASN A 480 6.85 2.75 -2.79
N PRO A 481 5.51 2.86 -2.86
CA PRO A 481 4.90 4.20 -3.04
C PRO A 481 4.59 5.06 -1.80
N PHE A 482 4.60 4.53 -0.58
CA PHE A 482 4.00 5.35 0.48
C PHE A 482 4.74 6.63 0.78
N VAL A 483 6.06 6.67 0.63
CA VAL A 483 6.78 7.92 0.88
C VAL A 483 6.36 9.00 -0.13
N THR A 484 6.14 8.62 -1.39
CA THR A 484 5.66 9.58 -2.40
C THR A 484 4.24 10.05 -2.04
N ILE A 485 3.36 9.14 -1.66
CA ILE A 485 2.01 9.54 -1.31
C ILE A 485 2.06 10.53 -0.14
N THR A 486 2.89 10.23 0.86
CA THR A 486 3.00 11.09 2.04
C THR A 486 3.54 12.47 1.67
N ALA A 487 4.63 12.52 0.90
CA ALA A 487 5.24 13.78 0.55
C ALA A 487 4.32 14.63 -0.33
N LEU A 488 3.63 13.99 -1.27
N LEU A 488 3.64 14.00 -1.29
CA LEU A 488 2.72 14.72 -2.13
CA LEU A 488 2.69 14.73 -2.13
C LEU A 488 1.55 15.27 -1.31
C LEU A 488 1.59 15.30 -1.25
N ALA A 489 1.10 14.51 -0.33
CA ALA A 489 0.03 14.96 0.53
C ALA A 489 0.48 16.12 1.41
N GLU A 490 1.73 16.14 1.86
CA GLU A 490 2.25 17.28 2.59
C GLU A 490 2.21 18.53 1.71
N ARG A 491 2.70 18.42 0.49
CA ARG A 491 2.67 19.56 -0.44
C ARG A 491 1.25 20.05 -0.67
N ASN A 492 0.34 19.12 -0.94
CA ASN A 492 -1.01 19.48 -1.33
C ASN A 492 -1.79 20.14 -0.21
N VAL A 493 -1.81 19.54 0.97
CA VAL A 493 -2.63 20.06 2.04
C VAL A 493 -2.08 21.43 2.49
N GLU A 494 -0.76 21.60 2.44
N GLU A 494 -0.76 21.60 2.42
CA GLU A 494 -0.23 22.88 2.87
CA GLU A 494 -0.16 22.86 2.83
C GLU A 494 -0.76 23.98 1.94
C GLU A 494 -0.61 24.00 1.93
N ARG A 495 -0.74 23.72 0.63
CA ARG A 495 -1.21 24.72 -0.33
C ARG A 495 -2.71 24.96 -0.20
N ILE A 496 -3.47 23.87 -0.04
CA ILE A 496 -4.90 23.97 0.10
C ILE A 496 -5.29 24.80 1.33
N ILE A 497 -4.64 24.53 2.45
CA ILE A 497 -4.94 25.30 3.64
C ILE A 497 -4.63 26.80 3.41
N LYS A 498 -3.49 27.10 2.78
CA LYS A 498 -3.13 28.49 2.52
C LYS A 498 -4.09 29.20 1.60
N GLN A 499 -4.53 28.54 0.54
CA GLN A 499 -5.33 29.26 -0.47
C GLN A 499 -6.83 29.10 -0.33
N ASP A 500 -7.29 28.00 0.26
CA ASP A 500 -8.72 27.67 0.24
C ASP A 500 -9.42 27.73 1.60
N VAL A 501 -8.68 27.52 2.69
CA VAL A 501 -9.29 27.32 4.00
C VAL A 501 -9.30 28.63 4.78
N THR A 502 -8.15 29.26 4.86
#